data_4OT9
#
_entry.id   4OT9
#
_cell.length_a   196.670
_cell.length_b   196.670
_cell.length_c   68.460
_cell.angle_alpha   90.00
_cell.angle_beta   90.00
_cell.angle_gamma   120.00
#
_symmetry.space_group_name_H-M   'P 63 2 2'
#
loop_
_entity.id
_entity.type
_entity.pdbx_description
1 polymer 'Nuclear factor NF-kappa-B p100 subunit'
2 non-polymer 'SULFATE ION'
#
_entity_poly.entity_id   1
_entity_poly.type   'polypeptide(L)'
_entity_poly.pdbx_seq_one_letter_code
;MAATVPSRDSGEEAAEPSAPSRTPQCEPQAPEMLQRAREYNARLFGLAQRSARALLDYGVTADARALLAGQRHLLTAQDE
NGDTPLHLAIIHGQTSVIEQIVYVIHHAQDLGVVNLTNHLHQTPLHLAVITGQTSVVSFLLRVGADPALLDRHGDSAMHL
ALRAGAGAPELLRALLQSGAPAVPQLLHMPDFEGLYPVHLAVRARSPECLDLLVDSGAEVEATERQGGRTALHLATEMEE
LGLVTHLVTKLRANVNARTFAGNTPLHLAAGLGYPTLTRLLLKAGADIHAENEEPLCPLPSPPTSDSDSDSEGPEKDTRS
SFRGHTPLDLTCSTKVKTLLLNAAQNTMEPPLTPPSPAG
;
_entity_poly.pdbx_strand_id   A
#
# COMPACT_ATOMS: atom_id res chain seq x y z
N GLN A 29 50.74 4.75 -6.00
CA GLN A 29 51.00 6.23 -5.96
C GLN A 29 52.12 6.63 -6.93
N ALA A 30 52.87 5.64 -7.39
CA ALA A 30 53.98 5.86 -8.32
C ALA A 30 53.56 5.31 -9.69
N PRO A 31 54.49 5.21 -10.65
CA PRO A 31 54.11 4.66 -11.97
C PRO A 31 53.56 3.23 -11.89
N GLU A 32 53.06 2.85 -10.72
CA GLU A 32 52.46 1.54 -10.49
C GLU A 32 50.95 1.67 -10.74
N MET A 33 50.52 2.89 -11.05
CA MET A 33 49.12 3.17 -11.33
C MET A 33 48.71 2.37 -12.56
N LEU A 34 49.71 1.98 -13.36
CA LEU A 34 49.48 1.21 -14.58
C LEU A 34 48.66 -0.06 -14.29
N GLN A 35 49.11 -0.87 -13.34
CA GLN A 35 48.40 -2.11 -13.01
C GLN A 35 46.88 -1.89 -12.88
N ARG A 36 46.52 -0.72 -12.38
CA ARG A 36 45.11 -0.36 -12.21
C ARG A 36 44.41 -0.19 -13.55
N ALA A 37 44.96 0.65 -14.42
CA ALA A 37 44.38 0.90 -15.74
C ALA A 37 44.31 -0.37 -16.58
N ARG A 38 45.42 -1.12 -16.58
CA ARG A 38 45.50 -2.34 -17.35
C ARG A 38 44.48 -3.37 -16.88
N GLU A 39 44.27 -3.45 -15.56
CA GLU A 39 43.32 -4.42 -15.00
C GLU A 39 41.90 -4.21 -15.52
N TYR A 40 41.53 -2.94 -15.69
CA TYR A 40 40.22 -2.57 -16.20
C TYR A 40 40.02 -3.14 -17.60
N ASN A 41 41.03 -3.01 -18.45
CA ASN A 41 40.96 -3.52 -19.80
C ASN A 41 40.80 -5.04 -19.81
N ALA A 42 41.10 -5.69 -18.68
CA ALA A 42 41.02 -7.13 -18.60
C ALA A 42 39.58 -7.63 -18.56
N ARG A 43 38.96 -7.49 -17.40
CA ARG A 43 37.57 -7.93 -17.18
C ARG A 43 36.56 -7.22 -18.07
N LEU A 44 36.90 -6.01 -18.54
CA LEU A 44 36.02 -5.25 -19.40
C LEU A 44 36.06 -5.66 -20.87
N PHE A 45 37.25 -5.84 -21.41
CA PHE A 45 37.40 -6.28 -22.78
C PHE A 45 36.45 -7.46 -23.04
N GLY A 46 36.33 -8.38 -22.08
CA GLY A 46 35.45 -9.52 -22.26
C GLY A 46 34.03 -9.04 -22.48
N LEU A 47 33.65 -7.97 -21.80
CA LEU A 47 32.32 -7.38 -21.93
C LEU A 47 32.04 -7.02 -23.38
N ALA A 48 32.73 -5.98 -23.84
CA ALA A 48 32.60 -5.53 -25.22
C ALA A 48 32.70 -6.73 -26.17
N GLN A 49 33.54 -7.69 -25.79
CA GLN A 49 33.74 -8.88 -26.61
C GLN A 49 32.58 -9.84 -26.50
N ARG A 50 31.88 -9.83 -25.37
CA ARG A 50 30.75 -10.74 -25.22
C ARG A 50 29.62 -10.25 -26.14
N SER A 51 29.34 -8.95 -26.08
CA SER A 51 28.32 -8.33 -26.91
C SER A 51 28.58 -8.78 -28.35
N ALA A 52 29.80 -8.54 -28.82
CA ALA A 52 30.17 -8.96 -30.16
C ALA A 52 29.70 -10.40 -30.48
N ARG A 53 29.78 -11.32 -29.52
CA ARG A 53 29.34 -12.68 -29.77
C ARG A 53 27.82 -12.75 -29.76
N ALA A 54 27.21 -12.08 -28.80
CA ALA A 54 25.76 -12.05 -28.70
C ALA A 54 25.18 -11.39 -29.94
N LEU A 55 25.90 -10.39 -30.46
CA LEU A 55 25.46 -9.70 -31.65
C LEU A 55 25.51 -10.64 -32.85
N LEU A 56 26.30 -11.69 -32.75
CA LEU A 56 26.36 -12.61 -33.84
C LEU A 56 25.17 -13.57 -33.76
N ASP A 57 24.72 -13.80 -32.53
CA ASP A 57 23.59 -14.70 -32.31
C ASP A 57 22.35 -14.05 -32.86
N TYR A 58 22.21 -12.76 -32.57
CA TYR A 58 21.07 -12.00 -33.04
C TYR A 58 21.00 -12.01 -34.55
N GLY A 59 22.13 -12.29 -35.18
CA GLY A 59 22.15 -12.32 -36.62
C GLY A 59 21.76 -13.67 -37.15
N VAL A 60 21.39 -14.60 -36.26
CA VAL A 60 20.99 -15.94 -36.67
C VAL A 60 19.69 -16.34 -35.96
N THR A 61 19.13 -15.43 -35.18
CA THR A 61 17.91 -15.70 -34.45
C THR A 61 16.96 -14.52 -34.41
N ALA A 62 17.49 -13.34 -34.65
CA ALA A 62 16.69 -12.13 -34.62
C ALA A 62 16.09 -11.97 -33.23
N ASP A 63 16.58 -12.80 -32.29
CA ASP A 63 16.12 -12.77 -30.91
C ASP A 63 16.71 -11.57 -30.19
N ALA A 64 15.90 -10.56 -29.92
CA ALA A 64 16.39 -9.38 -29.25
C ALA A 64 16.86 -9.67 -27.84
N ARG A 65 16.38 -10.78 -27.29
CA ARG A 65 16.75 -11.13 -25.93
C ARG A 65 18.23 -11.43 -25.85
N ALA A 66 18.73 -12.27 -26.75
CA ALA A 66 20.14 -12.64 -26.77
C ALA A 66 20.98 -11.35 -26.91
N LEU A 67 20.57 -10.48 -27.81
CA LEU A 67 21.26 -9.23 -28.04
C LEU A 67 21.18 -8.36 -26.79
N LEU A 68 20.14 -8.58 -26.00
CA LEU A 68 19.94 -7.82 -24.77
C LEU A 68 20.77 -8.42 -23.65
N ALA A 69 20.95 -9.73 -23.70
CA ALA A 69 21.74 -10.43 -22.69
C ALA A 69 23.20 -10.04 -22.79
N GLY A 70 23.66 -9.85 -24.04
CA GLY A 70 25.04 -9.47 -24.28
C GLY A 70 25.42 -8.21 -23.53
N GLN A 71 24.42 -7.37 -23.27
CA GLN A 71 24.64 -6.14 -22.54
C GLN A 71 24.06 -6.22 -21.14
N ARG A 72 23.83 -7.46 -20.69
CA ARG A 72 23.25 -7.72 -19.38
C ARG A 72 23.88 -6.81 -18.33
N HIS A 73 25.20 -6.74 -18.35
CA HIS A 73 25.95 -5.92 -17.41
C HIS A 73 25.69 -4.43 -17.63
N LEU A 74 24.49 -4.08 -18.08
CA LEU A 74 24.20 -2.68 -18.31
C LEU A 74 22.81 -2.30 -17.92
N LEU A 75 21.96 -3.30 -17.71
CA LEU A 75 20.56 -3.08 -17.34
C LEU A 75 20.43 -2.22 -16.11
N THR A 76 21.56 -1.96 -15.46
CA THR A 76 21.59 -1.15 -14.25
C THR A 76 21.82 0.32 -14.56
N ALA A 77 22.09 0.59 -15.82
CA ALA A 77 22.34 1.95 -16.30
C ALA A 77 21.22 2.95 -15.94
N GLN A 78 21.54 3.95 -15.14
CA GLN A 78 20.56 4.96 -14.73
C GLN A 78 20.42 5.99 -15.86
N ASP A 79 19.74 7.10 -15.58
CA ASP A 79 19.57 8.16 -16.57
C ASP A 79 19.41 9.48 -15.81
N GLU A 80 19.07 10.53 -16.55
CA GLU A 80 18.90 11.86 -15.97
C GLU A 80 17.97 11.84 -14.75
N ASN A 81 17.01 10.92 -14.74
CA ASN A 81 16.08 10.81 -13.64
C ASN A 81 16.43 9.59 -12.79
N GLY A 82 17.50 8.91 -13.17
CA GLY A 82 17.93 7.74 -12.42
C GLY A 82 17.07 6.52 -12.69
N ASP A 83 16.56 6.40 -13.91
CA ASP A 83 15.71 5.28 -14.32
C ASP A 83 16.44 4.25 -15.15
N THR A 84 16.45 3.01 -14.66
CA THR A 84 17.08 1.90 -15.36
C THR A 84 16.32 1.63 -16.68
N PRO A 85 16.97 0.97 -17.65
CA PRO A 85 16.24 0.72 -18.90
C PRO A 85 14.86 0.05 -18.63
N LEU A 86 14.82 -0.95 -17.74
CA LEU A 86 13.55 -1.60 -17.38
C LEU A 86 12.59 -0.62 -16.71
N HIS A 87 13.15 0.40 -16.09
CA HIS A 87 12.36 1.41 -15.41
C HIS A 87 11.61 2.25 -16.42
N LEU A 88 12.25 2.50 -17.56
CA LEU A 88 11.66 3.31 -18.62
C LEU A 88 10.62 2.50 -19.38
N ALA A 89 10.93 1.24 -19.68
CA ALA A 89 10.01 0.37 -20.40
C ALA A 89 8.64 0.32 -19.71
N ILE A 90 8.64 0.26 -18.38
CA ILE A 90 7.40 0.24 -17.63
C ILE A 90 6.74 1.62 -17.69
N ILE A 91 7.55 2.64 -17.90
CA ILE A 91 7.05 4.01 -17.97
C ILE A 91 6.36 4.30 -19.30
N HIS A 92 6.85 3.66 -20.35
CA HIS A 92 6.30 3.86 -21.68
C HIS A 92 5.60 2.62 -22.19
N GLY A 93 5.05 1.85 -21.26
CA GLY A 93 4.31 0.65 -21.62
C GLY A 93 4.92 -0.29 -22.64
N GLN A 94 6.22 -0.17 -22.86
CA GLN A 94 6.96 -1.02 -23.79
C GLN A 94 6.93 -2.45 -23.28
N THR A 95 5.74 -2.99 -23.11
CA THR A 95 5.53 -4.35 -22.62
C THR A 95 6.44 -5.35 -23.32
N SER A 96 6.59 -5.18 -24.62
CA SER A 96 7.43 -6.08 -25.38
C SER A 96 8.82 -6.19 -24.74
N VAL A 97 9.38 -5.05 -24.37
CA VAL A 97 10.70 -5.00 -23.77
C VAL A 97 10.69 -5.67 -22.41
N ILE A 98 9.91 -5.11 -21.48
CA ILE A 98 9.82 -5.66 -20.15
C ILE A 98 9.83 -7.18 -20.16
N GLU A 99 9.23 -7.77 -21.18
CA GLU A 99 9.19 -9.21 -21.31
C GLU A 99 10.63 -9.73 -21.30
N GLN A 100 11.39 -9.30 -22.31
CA GLN A 100 12.79 -9.71 -22.50
C GLN A 100 13.70 -9.37 -21.32
N ILE A 101 13.75 -8.10 -20.97
CA ILE A 101 14.55 -7.63 -19.86
C ILE A 101 14.44 -8.57 -18.66
N VAL A 102 13.22 -8.80 -18.19
CA VAL A 102 13.01 -9.68 -17.06
C VAL A 102 13.59 -11.07 -17.29
N TYR A 103 13.50 -11.57 -18.53
CA TYR A 103 14.03 -12.88 -18.85
C TYR A 103 15.53 -12.92 -18.56
N VAL A 104 16.23 -11.92 -19.07
CA VAL A 104 17.67 -11.81 -18.87
C VAL A 104 18.02 -11.79 -17.40
N ILE A 105 17.33 -10.93 -16.66
CA ILE A 105 17.54 -10.80 -15.23
C ILE A 105 17.29 -12.12 -14.49
N HIS A 106 16.18 -12.77 -14.80
CA HIS A 106 15.82 -14.01 -14.13
C HIS A 106 16.83 -15.10 -14.40
N HIS A 107 17.16 -15.27 -15.67
CA HIS A 107 18.09 -16.32 -16.06
C HIS A 107 19.56 -15.92 -15.86
N ALA A 108 19.81 -14.98 -14.96
CA ALA A 108 21.17 -14.52 -14.69
C ALA A 108 21.38 -14.26 -13.21
N GLN A 109 20.38 -14.61 -12.41
CA GLN A 109 20.46 -14.41 -10.97
C GLN A 109 20.56 -12.94 -10.58
N ASP A 110 20.63 -12.05 -11.57
CA ASP A 110 20.72 -10.61 -11.30
C ASP A 110 19.37 -10.08 -10.83
N LEU A 111 18.61 -10.94 -10.14
CA LEU A 111 17.28 -10.61 -9.64
C LEU A 111 17.29 -9.44 -8.65
N GLY A 112 18.33 -8.62 -8.70
CA GLY A 112 18.41 -7.49 -7.80
C GLY A 112 18.20 -6.20 -8.54
N VAL A 113 18.50 -6.21 -9.83
CA VAL A 113 18.38 -5.01 -10.65
C VAL A 113 16.94 -4.55 -10.75
N VAL A 114 16.03 -5.50 -10.56
CA VAL A 114 14.61 -5.21 -10.62
C VAL A 114 14.14 -4.46 -9.39
N ASN A 115 15.09 -4.01 -8.57
CA ASN A 115 14.76 -3.22 -7.38
C ASN A 115 15.39 -1.84 -7.36
N LEU A 116 16.37 -1.63 -8.24
CA LEU A 116 17.03 -0.34 -8.35
C LEU A 116 16.00 0.80 -8.40
N THR A 117 16.14 1.77 -7.52
CA THR A 117 15.21 2.88 -7.49
C THR A 117 15.70 4.09 -8.30
N ASN A 118 14.77 4.85 -8.87
CA ASN A 118 15.14 6.03 -9.63
C ASN A 118 15.42 7.16 -8.64
N HIS A 119 15.43 8.40 -9.12
CA HIS A 119 15.69 9.50 -8.23
C HIS A 119 14.54 9.73 -7.27
N LEU A 120 13.35 9.27 -7.63
CA LEU A 120 12.19 9.44 -6.77
C LEU A 120 12.07 8.29 -5.80
N HIS A 121 13.10 7.45 -5.79
CA HIS A 121 13.17 6.28 -4.93
C HIS A 121 12.06 5.30 -5.28
N GLN A 122 11.78 5.18 -6.57
CA GLN A 122 10.74 4.29 -7.08
C GLN A 122 11.33 3.05 -7.72
N THR A 123 10.74 1.91 -7.41
CA THR A 123 11.19 0.64 -7.97
C THR A 123 10.34 0.26 -9.17
N PRO A 124 10.80 -0.68 -10.01
CA PRO A 124 10.00 -1.07 -11.17
C PRO A 124 8.57 -1.38 -10.76
N LEU A 125 8.40 -2.13 -9.66
CA LEU A 125 7.08 -2.48 -9.16
C LEU A 125 6.30 -1.19 -8.91
N HIS A 126 6.87 -0.34 -8.07
CA HIS A 126 6.22 0.93 -7.77
C HIS A 126 5.56 1.57 -8.99
N LEU A 127 6.29 1.61 -10.10
CA LEU A 127 5.79 2.22 -11.33
C LEU A 127 4.69 1.38 -11.96
N ALA A 128 4.94 0.09 -12.12
CA ALA A 128 3.95 -0.79 -12.70
C ALA A 128 2.60 -0.55 -12.01
N VAL A 129 2.62 -0.25 -10.72
CA VAL A 129 1.42 0.01 -9.96
C VAL A 129 0.90 1.44 -10.21
N ILE A 130 1.78 2.41 -10.03
CA ILE A 130 1.41 3.79 -10.26
C ILE A 130 0.77 3.96 -11.65
N THR A 131 1.36 3.31 -12.66
CA THR A 131 0.82 3.40 -14.03
C THR A 131 -0.38 2.51 -14.19
N GLY A 132 -0.64 1.68 -13.19
CA GLY A 132 -1.80 0.81 -13.26
C GLY A 132 -1.66 -0.41 -14.13
N GLN A 133 -0.46 -0.63 -14.67
CA GLN A 133 -0.23 -1.80 -15.50
C GLN A 133 -0.25 -3.11 -14.69
N THR A 134 -1.44 -3.52 -14.26
CA THR A 134 -1.60 -4.73 -13.48
C THR A 134 -0.87 -5.94 -14.06
N SER A 135 -0.97 -6.09 -15.37
CA SER A 135 -0.29 -7.19 -16.03
C SER A 135 1.19 -7.26 -15.64
N VAL A 136 1.90 -6.14 -15.78
CA VAL A 136 3.32 -6.05 -15.45
C VAL A 136 3.54 -6.29 -13.95
N VAL A 137 2.74 -5.63 -13.12
CA VAL A 137 2.82 -5.78 -11.66
C VAL A 137 2.91 -7.25 -11.26
N SER A 138 2.08 -8.09 -11.86
CA SER A 138 2.10 -9.50 -11.57
C SER A 138 3.43 -10.11 -12.02
N PHE A 139 3.81 -9.81 -13.26
CA PHE A 139 5.04 -10.34 -13.85
C PHE A 139 6.26 -10.05 -12.99
N LEU A 140 6.41 -8.82 -12.52
CA LEU A 140 7.54 -8.46 -11.70
C LEU A 140 7.58 -9.33 -10.45
N LEU A 141 6.45 -9.36 -9.75
CA LEU A 141 6.36 -10.14 -8.55
C LEU A 141 6.88 -11.55 -8.75
N ARG A 142 6.58 -12.13 -9.91
CA ARG A 142 7.02 -13.50 -10.16
C ARG A 142 8.52 -13.69 -9.95
N VAL A 143 9.28 -12.69 -10.35
CA VAL A 143 10.73 -12.77 -10.19
C VAL A 143 11.29 -11.69 -9.30
N GLY A 144 11.43 -12.00 -8.02
CA GLY A 144 11.99 -11.03 -7.08
C GLY A 144 11.08 -9.85 -6.88
N ALA A 145 11.67 -8.67 -6.85
CA ALA A 145 10.88 -7.46 -6.68
C ALA A 145 10.18 -7.51 -5.33
N ASP A 146 10.79 -6.88 -4.33
CA ASP A 146 10.25 -6.86 -2.98
C ASP A 146 9.24 -5.75 -2.83
N PRO A 147 7.96 -6.12 -2.74
CA PRO A 147 6.87 -5.16 -2.60
C PRO A 147 6.94 -4.39 -1.29
N ALA A 148 7.93 -4.70 -0.45
CA ALA A 148 8.10 -4.07 0.85
C ALA A 148 8.80 -2.72 0.76
N LEU A 149 9.58 -2.55 -0.29
CA LEU A 149 10.30 -1.30 -0.48
C LEU A 149 9.36 -0.12 -0.63
N LEU A 150 9.46 0.85 0.27
CA LEU A 150 8.63 2.06 0.21
C LEU A 150 9.21 3.07 -0.79
N ASP A 151 8.45 4.13 -1.07
CA ASP A 151 8.90 5.15 -2.01
C ASP A 151 9.26 6.42 -1.27
N ARG A 152 9.51 7.48 -2.02
CA ARG A 152 9.86 8.77 -1.43
C ARG A 152 8.91 9.20 -0.32
N HIS A 153 7.65 8.75 -0.40
CA HIS A 153 6.62 9.11 0.57
C HIS A 153 6.41 8.03 1.60
N GLY A 154 7.14 6.92 1.46
CA GLY A 154 7.01 5.82 2.41
C GLY A 154 5.87 4.87 2.11
N ASP A 155 5.53 4.73 0.84
CA ASP A 155 4.45 3.85 0.43
C ASP A 155 4.99 2.62 -0.27
N SER A 156 4.54 1.44 0.16
CA SER A 156 4.99 0.20 -0.45
C SER A 156 4.21 -0.10 -1.72
N ALA A 157 4.42 -1.29 -2.26
CA ALA A 157 3.72 -1.68 -3.47
C ALA A 157 2.22 -1.62 -3.20
N MET A 158 1.78 -2.26 -2.10
CA MET A 158 0.38 -2.30 -1.69
C MET A 158 -0.16 -0.91 -1.42
N HIS A 159 0.50 -0.18 -0.53
CA HIS A 159 0.08 1.17 -0.20
C HIS A 159 -0.25 1.96 -1.47
N LEU A 160 0.62 1.92 -2.46
CA LEU A 160 0.38 2.66 -3.69
C LEU A 160 -0.89 2.19 -4.37
N ALA A 161 -1.05 0.88 -4.46
CA ALA A 161 -2.24 0.32 -5.09
C ALA A 161 -3.48 0.94 -4.48
N LEU A 162 -3.60 0.86 -3.15
CA LEU A 162 -4.78 1.41 -2.45
C LEU A 162 -5.06 2.87 -2.77
N ARG A 163 -4.41 3.39 -3.80
CA ARG A 163 -4.63 4.76 -4.22
C ARG A 163 -4.83 4.80 -5.73
N ALA A 164 -5.45 5.87 -6.21
CA ALA A 164 -5.71 6.04 -7.62
C ALA A 164 -6.60 7.29 -7.83
N GLY A 165 -6.34 8.04 -8.89
CA GLY A 165 -7.13 9.23 -9.18
C GLY A 165 -8.62 8.93 -9.16
N ALA A 166 -8.98 7.70 -9.51
CA ALA A 166 -10.36 7.25 -9.54
C ALA A 166 -10.56 5.99 -8.69
N GLY A 167 -9.48 5.24 -8.49
CA GLY A 167 -9.54 4.01 -7.74
C GLY A 167 -9.51 2.75 -8.61
N ALA A 168 -8.92 1.71 -8.07
CA ALA A 168 -8.83 0.44 -8.76
C ALA A 168 -8.35 -0.69 -7.87
N PRO A 169 -9.29 -1.51 -7.39
CA PRO A 169 -8.93 -2.63 -6.52
C PRO A 169 -8.27 -3.74 -7.35
N GLU A 170 -8.36 -3.63 -8.68
CA GLU A 170 -7.78 -4.61 -9.60
C GLU A 170 -6.28 -4.80 -9.32
N LEU A 171 -5.64 -3.73 -8.87
CA LEU A 171 -4.23 -3.78 -8.55
C LEU A 171 -4.04 -4.63 -7.30
N LEU A 172 -4.72 -4.26 -6.22
CA LEU A 172 -4.60 -5.01 -4.99
C LEU A 172 -4.75 -6.51 -5.20
N ARG A 173 -5.47 -6.89 -6.25
CA ARG A 173 -5.68 -8.30 -6.51
C ARG A 173 -4.40 -8.99 -6.94
N ALA A 174 -3.75 -8.43 -7.96
CA ALA A 174 -2.50 -8.98 -8.48
C ALA A 174 -1.53 -9.27 -7.36
N LEU A 175 -1.41 -8.31 -6.44
CA LEU A 175 -0.51 -8.45 -5.30
C LEU A 175 -0.92 -9.61 -4.42
N LEU A 176 -2.10 -9.50 -3.82
CA LEU A 176 -2.61 -10.54 -2.94
C LEU A 176 -2.45 -11.95 -3.53
N GLN A 177 -2.90 -12.13 -4.76
CA GLN A 177 -2.74 -13.40 -5.43
C GLN A 177 -1.25 -13.61 -5.80
N SER A 178 -0.70 -14.72 -5.29
CA SER A 178 0.69 -15.12 -5.53
C SER A 178 1.67 -14.07 -5.04
N GLY A 179 2.76 -14.54 -4.43
CA GLY A 179 3.79 -13.65 -3.92
C GLY A 179 4.08 -13.86 -2.45
N ALA A 180 5.19 -14.52 -2.17
CA ALA A 180 5.58 -14.81 -0.81
C ALA A 180 5.85 -13.55 0.03
N PRO A 181 6.53 -12.58 -0.57
CA PRO A 181 6.79 -11.37 0.23
C PRO A 181 5.62 -10.42 0.13
N ALA A 182 4.44 -10.96 -0.22
CA ALA A 182 3.24 -10.12 -0.38
C ALA A 182 2.39 -10.11 0.87
N VAL A 183 2.34 -11.24 1.56
CA VAL A 183 1.55 -11.35 2.77
C VAL A 183 1.91 -10.36 3.88
N PRO A 184 3.16 -9.88 3.93
CA PRO A 184 3.48 -8.92 5.00
C PRO A 184 2.90 -7.52 4.81
N GLN A 185 2.73 -7.10 3.57
CA GLN A 185 2.20 -5.77 3.28
C GLN A 185 0.96 -5.43 4.07
N LEU A 186 0.03 -6.37 4.11
CA LEU A 186 -1.22 -6.16 4.82
C LEU A 186 -1.03 -6.15 6.32
N LEU A 187 0.01 -5.46 6.75
CA LEU A 187 0.32 -5.32 8.17
C LEU A 187 1.27 -4.15 8.35
N HIS A 188 1.65 -3.51 7.25
CA HIS A 188 2.56 -2.36 7.28
C HIS A 188 1.84 -1.09 7.69
N MET A 189 2.50 0.04 7.53
CA MET A 189 1.92 1.34 7.85
C MET A 189 2.63 2.49 7.12
N PRO A 190 1.86 3.29 6.35
CA PRO A 190 2.43 4.41 5.59
C PRO A 190 3.04 5.50 6.44
N ASP A 191 3.80 6.37 5.80
CA ASP A 191 4.44 7.46 6.49
C ASP A 191 3.41 8.22 7.31
N PHE A 192 2.32 8.60 6.66
CA PHE A 192 1.28 9.37 7.34
C PHE A 192 0.76 8.66 8.57
N GLU A 193 1.33 9.00 9.72
CA GLU A 193 0.93 8.42 10.99
C GLU A 193 0.63 6.94 10.91
N GLY A 194 1.29 6.25 9.98
CA GLY A 194 1.10 4.81 9.84
C GLY A 194 -0.33 4.33 9.81
N LEU A 195 -0.97 4.50 8.67
CA LEU A 195 -2.35 4.07 8.50
C LEU A 195 -2.38 2.76 7.74
N TYR A 196 -2.37 1.65 8.48
CA TYR A 196 -2.40 0.33 7.87
C TYR A 196 -3.27 0.23 6.62
N PRO A 197 -3.02 -0.78 5.78
CA PRO A 197 -3.80 -0.97 4.55
C PRO A 197 -5.31 -0.95 4.77
N VAL A 198 -5.76 -1.56 5.86
CA VAL A 198 -7.19 -1.59 6.17
C VAL A 198 -7.70 -0.16 6.34
N HIS A 199 -6.88 0.70 6.95
CA HIS A 199 -7.26 2.09 7.17
C HIS A 199 -7.36 2.80 5.83
N LEU A 200 -6.43 2.48 4.94
CA LEU A 200 -6.40 3.12 3.63
C LEU A 200 -7.69 2.90 2.87
N ALA A 201 -8.07 1.63 2.75
CA ALA A 201 -9.30 1.26 2.06
C ALA A 201 -10.45 2.16 2.50
N VAL A 202 -10.65 2.27 3.81
CA VAL A 202 -11.71 3.12 4.34
C VAL A 202 -11.54 4.56 3.87
N ARG A 203 -10.30 5.04 3.87
CA ARG A 203 -10.03 6.40 3.43
C ARG A 203 -10.20 6.51 1.92
N ALA A 204 -10.17 5.35 1.24
CA ALA A 204 -10.34 5.32 -0.21
C ALA A 204 -11.79 5.10 -0.56
N ARG A 205 -12.66 5.13 0.45
CA ARG A 205 -14.09 4.92 0.24
C ARG A 205 -14.30 3.73 -0.67
N SER A 206 -13.64 2.62 -0.35
CA SER A 206 -13.74 1.39 -1.15
C SER A 206 -13.83 0.13 -0.30
N PRO A 207 -15.06 -0.32 -0.06
CA PRO A 207 -15.24 -1.53 0.74
C PRO A 207 -14.71 -2.73 -0.05
N GLU A 208 -14.67 -2.58 -1.36
CA GLU A 208 -14.19 -3.61 -2.27
C GLU A 208 -12.84 -4.13 -1.78
N CYS A 209 -11.91 -3.19 -1.53
CA CYS A 209 -10.59 -3.52 -1.07
C CYS A 209 -10.63 -3.96 0.39
N LEU A 210 -11.38 -3.24 1.21
CA LEU A 210 -11.51 -3.58 2.62
C LEU A 210 -11.63 -5.10 2.80
N ASP A 211 -12.57 -5.70 2.07
CA ASP A 211 -12.78 -7.13 2.14
C ASP A 211 -11.56 -7.87 1.60
N LEU A 212 -11.09 -7.43 0.43
CA LEU A 212 -9.94 -8.05 -0.20
C LEU A 212 -8.79 -8.25 0.78
N LEU A 213 -8.51 -7.24 1.58
CA LEU A 213 -7.42 -7.29 2.55
C LEU A 213 -7.78 -8.26 3.67
N VAL A 214 -8.82 -7.92 4.42
CA VAL A 214 -9.23 -8.75 5.53
C VAL A 214 -9.38 -10.22 5.14
N ASP A 215 -10.04 -10.49 4.01
CA ASP A 215 -10.26 -11.87 3.57
C ASP A 215 -8.98 -12.66 3.46
N SER A 216 -7.96 -12.04 2.88
CA SER A 216 -6.68 -12.70 2.72
C SER A 216 -5.77 -12.46 3.92
N GLY A 217 -6.38 -12.32 5.09
CA GLY A 217 -5.62 -12.11 6.32
C GLY A 217 -5.30 -10.65 6.55
N ALA A 218 -5.87 -10.06 7.58
CA ALA A 218 -5.65 -8.64 7.90
C ALA A 218 -6.35 -8.30 9.19
N GLU A 219 -5.62 -7.72 10.13
CA GLU A 219 -6.20 -7.37 11.40
C GLU A 219 -7.26 -6.29 11.21
N VAL A 220 -8.49 -6.65 11.57
CA VAL A 220 -9.58 -5.71 11.42
C VAL A 220 -9.49 -4.62 12.45
N GLU A 221 -9.30 -5.01 13.70
CA GLU A 221 -9.21 -4.04 14.77
C GLU A 221 -7.80 -3.46 14.91
N ALA A 222 -7.15 -3.25 13.78
CA ALA A 222 -5.81 -2.69 13.79
C ALA A 222 -5.84 -1.28 14.34
N THR A 223 -4.89 -0.97 15.21
CA THR A 223 -4.81 0.34 15.82
C THR A 223 -3.57 1.09 15.32
N GLU A 224 -3.80 2.13 14.53
CA GLU A 224 -2.70 2.93 13.99
C GLU A 224 -1.99 3.75 15.06
N ARG A 225 -0.78 4.20 14.75
CA ARG A 225 0.03 4.97 15.69
C ARG A 225 -0.37 6.42 15.97
N GLN A 226 -1.14 7.02 15.09
CA GLN A 226 -1.58 8.39 15.30
C GLN A 226 -2.49 8.52 16.54
N GLY A 227 -3.80 8.41 16.32
CA GLY A 227 -4.75 8.51 17.41
C GLY A 227 -5.32 7.17 17.84
N GLY A 228 -4.61 6.09 17.50
CA GLY A 228 -5.07 4.77 17.87
C GLY A 228 -6.41 4.40 17.26
N ARG A 229 -6.83 5.18 16.27
CA ARG A 229 -8.11 4.95 15.59
C ARG A 229 -8.12 3.63 14.82
N THR A 230 -9.32 3.20 14.44
CA THR A 230 -9.48 1.96 13.68
C THR A 230 -10.35 2.22 12.46
N ALA A 231 -10.57 1.16 11.69
CA ALA A 231 -11.37 1.28 10.49
C ALA A 231 -12.68 2.00 10.78
N LEU A 232 -13.38 1.56 11.83
CA LEU A 232 -14.67 2.17 12.16
C LEU A 232 -14.55 3.65 12.45
N HIS A 233 -13.45 4.03 13.11
CA HIS A 233 -13.24 5.43 13.45
C HIS A 233 -13.16 6.28 12.21
N LEU A 234 -12.33 5.88 11.24
CA LEU A 234 -12.20 6.65 10.00
C LEU A 234 -13.50 6.58 9.23
N ALA A 235 -14.17 5.44 9.34
CA ALA A 235 -15.43 5.27 8.65
C ALA A 235 -16.41 6.32 9.13
N THR A 236 -16.73 6.26 10.42
CA THR A 236 -17.65 7.21 11.02
C THR A 236 -17.13 8.63 10.83
N GLU A 237 -15.81 8.77 10.82
CA GLU A 237 -15.19 10.06 10.62
C GLU A 237 -15.76 10.71 9.36
N MET A 238 -15.28 10.26 8.21
CA MET A 238 -15.73 10.79 6.94
C MET A 238 -17.16 10.38 6.67
N GLU A 239 -17.83 10.00 7.74
CA GLU A 239 -19.23 9.55 7.69
C GLU A 239 -19.53 8.55 6.57
N GLU A 240 -18.66 7.57 6.37
CA GLU A 240 -18.92 6.57 5.34
C GLU A 240 -19.94 5.57 5.86
N LEU A 241 -21.18 6.05 6.02
CA LEU A 241 -22.27 5.24 6.53
C LEU A 241 -22.23 3.85 5.93
N GLY A 242 -21.82 3.78 4.67
CA GLY A 242 -21.73 2.51 3.99
C GLY A 242 -20.69 1.61 4.62
N LEU A 243 -19.47 2.10 4.69
CA LEU A 243 -18.38 1.35 5.28
C LEU A 243 -18.69 1.01 6.71
N VAL A 244 -19.19 1.98 7.46
CA VAL A 244 -19.51 1.80 8.88
C VAL A 244 -20.36 0.55 9.06
N THR A 245 -21.45 0.50 8.32
CA THR A 245 -22.35 -0.64 8.40
C THR A 245 -21.61 -1.90 8.00
N HIS A 246 -21.06 -1.88 6.80
CA HIS A 246 -20.33 -3.01 6.26
C HIS A 246 -19.30 -3.54 7.25
N LEU A 247 -18.70 -2.64 8.02
CA LEU A 247 -17.67 -3.01 9.00
C LEU A 247 -18.24 -3.69 10.22
N VAL A 248 -19.16 -3.01 10.89
CA VAL A 248 -19.77 -3.55 12.09
C VAL A 248 -20.57 -4.82 11.85
N THR A 249 -21.07 -4.99 10.63
CA THR A 249 -21.85 -6.18 10.29
C THR A 249 -21.01 -7.35 9.78
N LYS A 250 -20.88 -7.46 8.47
CA LYS A 250 -20.11 -8.55 7.85
C LYS A 250 -18.72 -8.72 8.42
N LEU A 251 -17.98 -7.62 8.51
CA LEU A 251 -16.62 -7.67 9.04
C LEU A 251 -16.58 -7.92 10.53
N ARG A 252 -17.74 -8.11 11.15
CA ARG A 252 -17.85 -8.33 12.60
C ARG A 252 -16.84 -7.48 13.37
N ALA A 253 -16.70 -6.22 12.97
CA ALA A 253 -15.76 -5.33 13.63
C ALA A 253 -16.25 -4.91 15.01
N ASN A 254 -15.31 -4.73 15.93
CA ASN A 254 -15.63 -4.31 17.29
C ASN A 254 -16.27 -2.94 17.29
N VAL A 255 -17.54 -2.88 17.68
CA VAL A 255 -18.28 -1.63 17.69
C VAL A 255 -17.80 -0.60 18.71
N ASN A 256 -17.53 -1.04 19.94
CA ASN A 256 -17.07 -0.12 20.96
C ASN A 256 -15.58 -0.18 21.18
N ALA A 257 -14.84 0.61 20.40
CA ALA A 257 -13.39 0.64 20.52
C ALA A 257 -12.96 2.08 20.70
N ARG A 258 -12.27 2.36 21.81
CA ARG A 258 -11.81 3.71 22.08
C ARG A 258 -10.47 4.00 21.44
N THR A 259 -10.27 5.25 21.03
CA THR A 259 -9.04 5.68 20.41
C THR A 259 -8.04 5.98 21.51
N PHE A 260 -6.93 6.61 21.14
CA PHE A 260 -5.90 6.98 22.11
C PHE A 260 -6.50 8.02 23.05
N ALA A 261 -7.27 8.94 22.50
CA ALA A 261 -7.92 9.98 23.29
C ALA A 261 -9.19 9.45 23.93
N GLY A 262 -9.32 8.12 24.01
CA GLY A 262 -10.48 7.50 24.60
C GLY A 262 -11.80 7.89 23.94
N ASN A 263 -12.05 7.34 22.76
CA ASN A 263 -13.27 7.64 22.01
C ASN A 263 -13.73 6.49 21.14
N THR A 264 -15.01 6.17 21.23
CA THR A 264 -15.60 5.11 20.43
C THR A 264 -16.29 5.75 19.24
N PRO A 265 -16.65 4.94 18.23
CA PRO A 265 -17.32 5.50 17.05
C PRO A 265 -18.60 6.25 17.42
N LEU A 266 -19.25 5.80 18.48
CA LEU A 266 -20.48 6.43 18.94
C LEU A 266 -20.21 7.87 19.34
N HIS A 267 -18.94 8.17 19.61
CA HIS A 267 -18.54 9.51 19.99
C HIS A 267 -18.47 10.42 18.78
N LEU A 268 -17.50 10.14 17.91
CA LEU A 268 -17.28 10.94 16.71
C LEU A 268 -18.59 11.23 15.98
N ALA A 269 -19.43 10.22 15.87
CA ALA A 269 -20.71 10.34 15.18
C ALA A 269 -21.56 11.44 15.81
N ALA A 270 -21.80 11.33 17.11
CA ALA A 270 -22.61 12.30 17.83
C ALA A 270 -22.04 13.70 17.66
N GLY A 271 -20.74 13.83 17.94
CA GLY A 271 -20.08 15.11 17.83
C GLY A 271 -20.30 15.76 16.48
N LEU A 272 -20.00 15.02 15.41
CA LEU A 272 -20.16 15.53 14.05
C LEU A 272 -21.62 15.81 13.70
N GLY A 273 -22.54 15.09 14.35
CA GLY A 273 -23.95 15.28 14.07
C GLY A 273 -24.42 14.39 12.93
N TYR A 274 -24.15 13.09 13.07
CA TYR A 274 -24.54 12.11 12.06
C TYR A 274 -25.69 11.26 12.60
N PRO A 275 -26.93 11.73 12.43
CA PRO A 275 -28.12 11.02 12.89
C PRO A 275 -28.13 9.52 12.55
N THR A 276 -28.49 9.21 11.29
CA THR A 276 -28.57 7.82 10.85
C THR A 276 -27.35 7.00 11.25
N LEU A 277 -26.19 7.65 11.24
CA LEU A 277 -24.96 6.98 11.61
C LEU A 277 -25.00 6.61 13.09
N THR A 278 -25.40 7.57 13.93
CA THR A 278 -25.49 7.32 15.36
C THR A 278 -26.49 6.20 15.59
N ARG A 279 -27.63 6.31 14.91
CA ARG A 279 -28.69 5.32 15.01
C ARG A 279 -28.13 3.94 14.63
N LEU A 280 -27.47 3.87 13.48
CA LEU A 280 -26.88 2.62 13.02
C LEU A 280 -25.93 2.06 14.07
N LEU A 281 -25.07 2.92 14.61
CA LEU A 281 -24.12 2.50 15.62
C LEU A 281 -24.83 1.99 16.86
N LEU A 282 -25.83 2.74 17.31
CA LEU A 282 -26.57 2.33 18.50
C LEU A 282 -27.06 0.90 18.35
N LYS A 283 -27.81 0.65 17.27
CA LYS A 283 -28.37 -0.66 16.96
C LYS A 283 -27.25 -1.70 16.87
N ALA A 284 -26.08 -1.26 16.42
CA ALA A 284 -24.95 -2.16 16.29
C ALA A 284 -24.43 -2.63 17.66
N GLY A 285 -25.04 -2.12 18.73
CA GLY A 285 -24.63 -2.51 20.06
C GLY A 285 -23.62 -1.53 20.61
N ALA A 286 -23.80 -0.25 20.31
CA ALA A 286 -22.88 0.77 20.78
C ALA A 286 -23.27 1.23 22.17
N ASP A 287 -22.40 0.98 23.14
CA ASP A 287 -22.66 1.35 24.52
C ASP A 287 -22.63 2.87 24.67
N ILE A 288 -23.75 3.43 25.14
CA ILE A 288 -23.87 4.88 25.34
C ILE A 288 -22.90 5.27 26.45
N HIS A 289 -22.60 4.29 27.31
CA HIS A 289 -21.68 4.48 28.43
C HIS A 289 -20.25 4.66 27.95
N ALA A 290 -19.79 5.91 27.96
CA ALA A 290 -18.44 6.24 27.52
C ALA A 290 -18.13 7.68 27.84
N GLU A 291 -16.89 7.94 28.23
CA GLU A 291 -16.45 9.27 28.59
C GLU A 291 -15.05 9.55 28.06
N ASN A 292 -14.94 10.51 27.14
CA ASN A 292 -13.63 10.86 26.58
C ASN A 292 -12.82 11.61 27.64
N GLU A 293 -13.06 12.90 27.78
CA GLU A 293 -12.36 13.72 28.78
C GLU A 293 -13.25 14.77 29.46
N GLU A 294 -12.94 15.03 30.72
CA GLU A 294 -13.65 15.99 31.56
C GLU A 294 -14.29 17.16 30.85
N PRO A 295 -15.54 17.51 31.23
CA PRO A 295 -16.30 18.62 30.65
C PRO A 295 -15.78 20.00 31.05
N SER A 320 -11.99 6.61 42.80
CA SER A 320 -11.00 7.04 41.77
C SER A 320 -11.27 8.47 41.29
N SER A 321 -12.51 8.73 40.87
CA SER A 321 -12.91 10.04 40.37
C SER A 321 -12.18 10.45 39.09
N PHE A 322 -12.80 10.18 37.96
CA PHE A 322 -12.22 10.52 36.65
C PHE A 322 -13.24 10.33 35.53
N ARG A 323 -14.26 11.16 35.50
CA ARG A 323 -15.29 11.09 34.46
C ARG A 323 -15.17 12.26 33.50
N GLY A 324 -15.67 12.08 32.29
CA GLY A 324 -15.59 13.14 31.29
C GLY A 324 -16.73 13.14 30.29
N HIS A 325 -16.57 13.95 29.23
CA HIS A 325 -17.58 14.08 28.19
C HIS A 325 -18.09 12.72 27.69
N THR A 326 -19.40 12.61 27.53
CA THR A 326 -20.03 11.39 27.05
C THR A 326 -20.62 11.68 25.68
N PRO A 327 -21.02 10.63 24.94
CA PRO A 327 -21.59 10.84 23.61
C PRO A 327 -22.72 11.86 23.60
N LEU A 328 -23.65 11.72 24.54
CA LEU A 328 -24.81 12.62 24.64
C LEU A 328 -24.41 14.08 24.87
N ASP A 329 -23.13 14.33 25.12
CA ASP A 329 -22.66 15.69 25.35
C ASP A 329 -22.40 16.44 24.05
N LEU A 330 -21.17 16.35 23.54
CA LEU A 330 -20.80 17.02 22.32
C LEU A 330 -21.78 16.77 21.18
N THR A 331 -22.75 17.65 21.02
CA THR A 331 -23.73 17.51 19.95
C THR A 331 -24.39 18.84 19.65
N CYS A 332 -24.32 19.27 18.39
CA CYS A 332 -24.90 20.55 17.98
C CYS A 332 -26.11 20.32 17.08
N SER A 333 -26.50 19.06 16.94
CA SER A 333 -27.64 18.69 16.11
C SER A 333 -28.80 18.19 16.97
N THR A 334 -29.90 18.92 16.94
CA THR A 334 -31.09 18.58 17.72
C THR A 334 -31.48 17.10 17.53
N LYS A 335 -31.51 16.68 16.27
CA LYS A 335 -31.87 15.31 15.92
C LYS A 335 -31.01 14.29 16.69
N VAL A 336 -29.70 14.47 16.65
CA VAL A 336 -28.80 13.55 17.33
C VAL A 336 -29.12 13.43 18.81
N LYS A 337 -29.30 14.56 19.46
CA LYS A 337 -29.60 14.59 20.88
C LYS A 337 -30.75 13.67 21.25
N THR A 338 -31.86 13.78 20.51
CA THR A 338 -33.04 12.97 20.76
C THR A 338 -32.74 11.48 20.93
N LEU A 339 -32.29 10.84 19.86
CA LEU A 339 -31.99 9.41 19.91
C LEU A 339 -31.12 9.06 21.09
N LEU A 340 -30.04 9.81 21.28
CA LEU A 340 -29.11 9.55 22.37
C LEU A 340 -29.84 9.38 23.70
N LEU A 341 -30.79 10.29 23.96
CA LEU A 341 -31.56 10.27 25.20
C LEU A 341 -32.59 9.15 25.22
N ASN A 342 -33.51 9.19 24.25
CA ASN A 342 -34.58 8.20 24.14
C ASN A 342 -34.06 6.78 24.21
N ALA A 343 -32.99 6.49 23.48
CA ALA A 343 -32.42 5.16 23.46
C ALA A 343 -31.72 4.83 24.77
N ALA A 344 -31.45 5.85 25.57
CA ALA A 344 -30.76 5.65 26.86
C ALA A 344 -31.73 5.24 27.97
N GLN A 345 -32.66 6.15 28.30
CA GLN A 345 -33.64 5.91 29.34
C GLN A 345 -34.55 4.74 29.00
N ASN A 346 -35.02 4.68 27.76
CA ASN A 346 -35.90 3.59 27.31
C ASN A 346 -35.10 2.34 26.99
N THR A 347 -35.70 1.18 27.29
CA THR A 347 -35.06 -0.11 27.04
C THR A 347 -33.72 -0.23 27.76
N MET A 348 -33.73 -0.94 28.88
CA MET A 348 -32.52 -1.14 29.68
C MET A 348 -31.95 0.18 30.19
N GLU A 349 -32.25 0.51 31.46
CA GLU A 349 -31.78 1.74 32.08
C GLU A 349 -32.15 1.75 33.57
N PRO A 350 -31.18 2.07 34.45
CA PRO A 350 -31.42 2.12 35.89
C PRO A 350 -32.62 2.97 36.27
#